data_9GAA
#
_entry.id   9GAA
#
_cell.length_a   46.300
_cell.length_b   52.800
_cell.length_c   62.400
_cell.angle_alpha   80.80
_cell.angle_beta   90.50
_cell.angle_gamma   105.10
#
_symmetry.space_group_name_H-M   'P 1'
#
loop_
_entity.id
_entity.type
_entity.pdbx_description
1 polymer 'PROTEIN (GLYCOSYLASPARAGINASE)'
2 water water
#
_entity_poly.entity_id   1
_entity_poly.type   'polypeptide(L)'
_entity_poly.pdbx_seq_one_letter_code
;TTNKPIVLSTWNFGLHANVEAWKVLSKGGKALDAVEKGVRLVEDDPTERSVGYGGRPDRDGRVTLDACIMDENYNIGSVA
CMEHIKNPISVARAVMEKTPHVMLVGDGALEFALSQGFKKENLLTAESEKEWKEWLKTSQYKPIVNIENHDAIGMIALDA
QGNLSGACTTSGMAYKMHGRVGDSPIIGAGLFVDNEIGAATATGHGEEVIRTVGTHLVVELMNQGRTPQQACKEAVERIV
KIVNRRGKNLKDIQVGFIALNKKGEYGAYCIQDGFNFAVHDQKGNRLETPGFALK
;
_entity_poly.pdbx_strand_id   A,C
#
# COMPACT_ATOMS: atom_id res chain seq x y z
N THR A 2 1.58 -3.20 32.15
CA THR A 2 1.78 -3.76 30.81
C THR A 2 1.92 -5.29 30.89
N ASN A 3 1.21 -5.96 30.03
CA ASN A 3 1.31 -7.40 29.86
C ASN A 3 2.34 -7.54 28.72
N LYS A 4 3.53 -8.02 29.03
CA LYS A 4 4.59 -8.10 28.02
C LYS A 4 5.58 -9.11 28.53
N PRO A 5 6.28 -9.87 27.68
CA PRO A 5 5.99 -9.99 26.27
C PRO A 5 4.68 -10.72 25.95
N ILE A 6 4.20 -10.46 24.73
CA ILE A 6 3.00 -11.11 24.20
C ILE A 6 3.13 -11.12 22.68
N VAL A 7 2.69 -12.19 21.99
CA VAL A 7 2.71 -12.38 20.54
C VAL A 7 1.27 -12.77 20.18
N LEU A 8 0.71 -12.24 19.11
CA LEU A 8 -0.51 -12.79 18.56
C LEU A 8 -0.24 -13.08 17.07
N SER A 9 -0.88 -14.13 16.55
CA SER A 9 -0.77 -14.38 15.14
C SER A 9 -2.09 -14.97 14.61
N THR A 10 -2.33 -14.88 13.28
CA THR A 10 -3.58 -15.27 12.67
C THR A 10 -3.70 -16.78 12.44
N TRP A 11 -4.91 -17.29 12.68
CA TRP A 11 -5.33 -18.67 12.37
C TRP A 11 -4.65 -19.73 13.24
N ASN A 12 -4.98 -21.01 13.03
CA ASN A 12 -4.55 -22.11 13.87
C ASN A 12 -3.09 -22.33 13.86
N PHE A 13 -2.55 -22.19 12.67
CA PHE A 13 -1.10 -22.34 12.52
C PHE A 13 -0.32 -21.29 13.30
N GLY A 14 -1.03 -20.25 13.77
CA GLY A 14 -0.47 -19.27 14.64
C GLY A 14 -0.02 -19.85 15.99
N LEU A 15 -0.56 -20.96 16.50
CA LEU A 15 -0.14 -21.45 17.80
C LEU A 15 1.30 -21.90 17.71
N HIS A 16 1.60 -22.66 16.65
CA HIS A 16 2.94 -23.17 16.42
C HIS A 16 3.90 -22.06 16.13
N ALA A 17 3.48 -21.15 15.26
CA ALA A 17 4.30 -19.98 14.93
C ALA A 17 4.63 -19.21 16.20
N ASN A 18 3.65 -19.07 17.08
CA ASN A 18 3.85 -18.46 18.38
C ASN A 18 4.86 -19.14 19.29
N VAL A 19 4.98 -20.48 19.29
CA VAL A 19 5.98 -21.21 20.09
C VAL A 19 7.37 -20.78 19.58
N GLU A 20 7.65 -20.68 18.30
CA GLU A 20 8.93 -20.17 17.81
C GLU A 20 9.20 -18.73 18.21
N ALA A 21 8.20 -17.82 18.11
CA ALA A 21 8.37 -16.44 18.51
C ALA A 21 8.67 -16.32 20.01
N TRP A 22 8.00 -17.16 20.85
CA TRP A 22 8.16 -17.12 22.30
C TRP A 22 9.57 -17.52 22.64
N LYS A 23 10.25 -18.38 21.87
CA LYS A 23 11.63 -18.71 22.13
C LYS A 23 12.53 -17.50 22.16
N VAL A 24 12.21 -16.48 21.36
CA VAL A 24 12.96 -15.24 21.33
C VAL A 24 12.51 -14.34 22.48
N LEU A 25 11.21 -14.10 22.47
CA LEU A 25 10.60 -13.19 23.41
C LEU A 25 10.80 -13.61 24.87
N SER A 26 10.57 -14.88 25.23
CA SER A 26 10.82 -15.34 26.58
C SER A 26 12.26 -15.16 27.04
N LYS A 27 13.24 -14.87 26.18
CA LYS A 27 14.59 -14.65 26.61
C LYS A 27 14.90 -13.16 26.53
N GLY A 28 13.87 -12.28 26.42
CA GLY A 28 14.07 -10.84 26.31
C GLY A 28 14.69 -10.38 24.96
N GLY A 29 14.41 -11.17 23.92
CA GLY A 29 14.84 -10.90 22.56
C GLY A 29 13.94 -9.83 21.96
N LYS A 30 14.40 -9.17 20.87
CA LYS A 30 13.62 -8.17 20.13
C LYS A 30 12.38 -8.75 19.45
N ALA A 31 11.33 -7.94 19.48
CA ALA A 31 10.11 -8.24 18.80
C ALA A 31 10.33 -8.48 17.32
N LEU A 32 11.24 -7.72 16.69
CA LEU A 32 11.58 -7.91 15.28
C LEU A 32 12.08 -9.31 14.95
N ASP A 33 12.99 -9.83 15.78
CA ASP A 33 13.50 -11.15 15.52
C ASP A 33 12.46 -12.23 15.81
N ALA A 34 11.66 -12.03 16.88
CA ALA A 34 10.60 -12.99 17.19
C ALA A 34 9.52 -13.15 16.11
N VAL A 35 9.06 -12.04 15.50
CA VAL A 35 8.01 -12.13 14.50
C VAL A 35 8.62 -12.69 13.24
N GLU A 36 9.88 -12.43 12.86
CA GLU A 36 10.46 -13.00 11.64
C GLU A 36 10.68 -14.51 11.78
N LYS A 37 11.21 -14.90 12.92
CA LYS A 37 11.37 -16.29 13.30
C LYS A 37 10.00 -17.04 13.30
N GLY A 38 8.96 -16.45 13.87
CA GLY A 38 7.68 -17.13 13.95
C GLY A 38 7.03 -17.36 12.60
N VAL A 39 6.96 -16.34 11.72
CA VAL A 39 6.27 -16.57 10.46
C VAL A 39 7.07 -17.40 9.48
N ARG A 40 8.38 -17.40 9.71
CA ARG A 40 9.29 -18.23 8.93
C ARG A 40 9.02 -19.72 9.07
N LEU A 41 8.53 -20.14 10.25
CA LEU A 41 8.17 -21.52 10.53
C LEU A 41 7.11 -21.96 9.52
N VAL A 42 6.12 -21.10 9.29
CA VAL A 42 5.03 -21.43 8.39
C VAL A 42 5.51 -21.30 6.93
N GLU A 43 6.35 -20.32 6.57
CA GLU A 43 6.97 -20.27 5.25
C GLU A 43 7.76 -21.54 4.86
N ASP A 44 8.44 -22.15 5.83
CA ASP A 44 9.19 -23.38 5.61
C ASP A 44 8.34 -24.63 5.44
N ASP A 45 7.15 -24.59 6.07
CA ASP A 45 6.23 -25.72 6.00
C ASP A 45 5.45 -25.82 4.67
N PRO A 46 5.68 -26.93 3.96
CA PRO A 46 5.02 -27.29 2.70
C PRO A 46 3.58 -27.76 2.88
N THR A 47 3.20 -28.20 4.08
CA THR A 47 1.82 -28.52 4.26
C THR A 47 1.13 -27.22 4.63
N GLU A 48 1.85 -26.11 4.80
CA GLU A 48 1.23 -24.83 5.00
C GLU A 48 1.17 -24.23 3.60
N ARG A 49 0.00 -24.39 3.00
CA ARG A 49 -0.26 -24.15 1.59
C ARG A 49 -0.59 -22.75 1.25
N SER A 50 -0.64 -21.87 2.21
CA SER A 50 -0.96 -20.47 1.96
C SER A 50 0.12 -19.43 2.16
N VAL A 51 1.25 -19.95 2.65
CA VAL A 51 2.38 -19.15 3.08
C VAL A 51 3.61 -19.81 2.43
N GLY A 52 4.51 -19.09 1.79
CA GLY A 52 5.75 -19.66 1.25
C GLY A 52 5.74 -21.00 0.55
N TYR A 53 6.50 -21.95 1.08
CA TYR A 53 6.81 -23.21 0.43
C TYR A 53 5.62 -24.10 0.10
N GLY A 54 4.56 -24.42 0.83
CA GLY A 54 3.58 -25.27 0.07
C GLY A 54 2.58 -24.41 -0.73
N GLY A 55 2.83 -23.11 -0.99
CA GLY A 55 1.83 -22.20 -1.54
C GLY A 55 1.16 -22.57 -2.84
N ARG A 56 -0.12 -22.31 -2.99
CA ARG A 56 -0.80 -22.61 -4.22
C ARG A 56 -0.49 -21.55 -5.26
N PRO A 57 -0.11 -21.90 -6.48
CA PRO A 57 0.47 -20.98 -7.45
C PRO A 57 -0.61 -20.09 -8.03
N ASP A 58 -0.26 -19.07 -8.80
CA ASP A 58 -1.25 -18.30 -9.54
C ASP A 58 -1.78 -19.19 -10.70
N ARG A 59 -2.64 -18.62 -11.55
CA ARG A 59 -3.26 -19.39 -12.60
C ARG A 59 -2.37 -19.86 -13.72
N ASP A 60 -1.19 -19.24 -13.80
CA ASP A 60 -0.12 -19.64 -14.70
C ASP A 60 0.78 -20.71 -14.08
N GLY A 61 0.50 -21.16 -12.89
CA GLY A 61 1.30 -22.20 -12.30
C GLY A 61 2.46 -21.60 -11.56
N ARG A 62 2.58 -20.29 -11.34
CA ARG A 62 3.75 -19.76 -10.60
C ARG A 62 3.50 -19.41 -9.11
N VAL A 63 4.34 -19.88 -8.22
CA VAL A 63 4.17 -19.55 -6.81
C VAL A 63 4.89 -18.22 -6.64
N THR A 64 4.13 -17.14 -6.42
CA THR A 64 4.79 -15.87 -6.17
C THR A 64 4.29 -15.40 -4.78
N LEU A 65 5.26 -15.01 -3.98
CA LEU A 65 5.08 -14.66 -2.59
C LEU A 65 5.14 -13.16 -2.33
N ASP A 66 4.39 -12.75 -1.33
CA ASP A 66 4.31 -11.39 -0.83
C ASP A 66 4.61 -11.39 0.69
N ALA A 67 5.26 -10.33 1.18
CA ALA A 67 5.52 -10.15 2.57
C ALA A 67 5.99 -8.76 2.92
N CYS A 68 5.72 -8.34 4.15
CA CYS A 68 6.31 -7.14 4.67
C CYS A 68 6.56 -7.29 6.15
N ILE A 69 7.37 -6.34 6.66
CA ILE A 69 7.77 -6.37 8.06
C ILE A 69 7.91 -4.90 8.46
N MET A 70 7.80 -4.63 9.76
CA MET A 70 7.87 -3.29 10.31
C MET A 70 8.30 -3.48 11.74
N ASP A 71 9.30 -2.68 12.12
CA ASP A 71 9.88 -2.74 13.46
C ASP A 71 9.35 -1.62 14.37
N GLU A 72 9.98 -1.43 15.54
CA GLU A 72 9.52 -0.41 16.48
C GLU A 72 9.91 1.04 16.18
N ASN A 73 10.71 1.32 15.15
CA ASN A 73 11.15 2.68 14.86
C ASN A 73 10.94 3.11 13.41
N TYR A 74 9.75 2.74 12.91
CA TYR A 74 9.18 3.13 11.61
C TYR A 74 9.96 2.56 10.44
N ASN A 75 10.91 1.64 10.63
CA ASN A 75 11.54 0.99 9.49
C ASN A 75 10.58 -0.07 9.02
N ILE A 76 10.59 -0.26 7.69
CA ILE A 76 9.68 -1.16 7.00
C ILE A 76 10.40 -1.73 5.78
N GLY A 77 10.00 -2.95 5.43
CA GLY A 77 10.52 -3.58 4.25
C GLY A 77 9.44 -4.41 3.62
N SER A 78 9.43 -4.50 2.31
CA SER A 78 8.40 -5.26 1.63
C SER A 78 8.85 -5.83 0.31
N VAL A 79 8.31 -7.02 0.03
CA VAL A 79 8.52 -7.68 -1.23
C VAL A 79 7.15 -8.20 -1.76
N ALA A 80 6.88 -8.13 -3.06
CA ALA A 80 5.66 -8.68 -3.59
C ALA A 80 5.87 -9.32 -4.95
N CYS A 81 5.17 -10.44 -5.14
CA CYS A 81 5.19 -11.24 -6.35
C CYS A 81 6.64 -11.61 -6.66
N MET A 82 7.27 -12.13 -5.62
CA MET A 82 8.62 -12.64 -5.75
C MET A 82 8.57 -14.17 -5.84
N GLU A 83 9.40 -14.69 -6.72
CA GLU A 83 9.46 -16.12 -7.02
C GLU A 83 10.79 -16.76 -6.62
N HIS A 84 10.66 -18.04 -6.35
CA HIS A 84 11.75 -18.97 -6.01
C HIS A 84 12.43 -18.68 -4.69
N ILE A 85 12.06 -17.75 -3.80
CA ILE A 85 12.67 -17.61 -2.49
C ILE A 85 11.67 -18.02 -1.37
N LYS A 86 11.95 -19.11 -0.62
CA LYS A 86 11.00 -19.62 0.35
C LYS A 86 10.62 -18.75 1.56
N ASN A 87 11.56 -17.83 1.91
CA ASN A 87 11.37 -16.94 3.05
C ASN A 87 11.27 -15.49 2.62
N PRO A 88 10.17 -14.99 2.03
CA PRO A 88 9.98 -13.58 1.68
C PRO A 88 10.04 -12.63 2.88
N ILE A 89 9.73 -13.06 4.12
CA ILE A 89 9.81 -12.13 5.25
C ILE A 89 11.27 -11.67 5.53
N SER A 90 12.25 -12.56 5.31
CA SER A 90 13.66 -12.20 5.50
C SER A 90 14.20 -11.36 4.34
N VAL A 91 13.67 -11.55 3.11
CA VAL A 91 14.05 -10.69 1.98
C VAL A 91 13.45 -9.33 2.20
N ALA A 92 12.22 -9.25 2.70
CA ALA A 92 11.60 -7.98 3.08
C ALA A 92 12.41 -7.29 4.19
N ARG A 93 12.90 -8.02 5.20
CA ARG A 93 13.74 -7.46 6.27
C ARG A 93 15.01 -6.87 5.66
N ALA A 94 15.57 -7.57 4.67
CA ALA A 94 16.77 -7.13 3.98
C ALA A 94 16.49 -5.90 3.14
N VAL A 95 15.34 -5.76 2.53
CA VAL A 95 14.96 -4.52 1.79
C VAL A 95 15.03 -3.35 2.79
N MET A 96 14.43 -3.56 3.96
CA MET A 96 14.44 -2.60 5.04
C MET A 96 15.85 -2.22 5.53
N GLU A 97 16.68 -3.20 5.84
CA GLU A 97 17.94 -2.89 6.47
C GLU A 97 19.04 -2.53 5.49
N LYS A 98 18.93 -3.00 4.25
CA LYS A 98 20.05 -2.90 3.32
C LYS A 98 19.85 -2.05 2.08
N THR A 99 18.65 -1.46 1.86
CA THR A 99 18.46 -0.61 0.71
C THR A 99 17.94 0.71 1.22
N PRO A 100 17.95 1.82 0.48
CA PRO A 100 17.23 3.05 0.80
C PRO A 100 15.73 2.82 0.54
N HIS A 101 15.36 1.85 -0.26
CA HIS A 101 13.96 1.58 -0.62
C HIS A 101 13.17 0.84 0.43
N VAL A 102 11.87 0.78 0.23
CA VAL A 102 11.00 0.13 1.18
C VAL A 102 10.24 -0.99 0.44
N MET A 103 10.06 -1.09 -0.90
CA MET A 103 9.33 -2.18 -1.51
C MET A 103 9.95 -2.47 -2.85
N LEU A 104 10.22 -3.75 -3.05
CA LEU A 104 10.70 -4.30 -4.31
C LEU A 104 9.71 -5.33 -4.85
N VAL A 105 9.43 -5.40 -6.16
CA VAL A 105 8.48 -6.39 -6.67
C VAL A 105 8.99 -7.14 -7.86
N GLY A 106 8.52 -8.38 -8.07
CA GLY A 106 8.83 -9.17 -9.25
C GLY A 106 10.31 -9.60 -9.30
N ASP A 107 10.86 -9.64 -10.52
CA ASP A 107 12.25 -9.96 -10.82
C ASP A 107 13.23 -9.08 -10.07
N GLY A 108 13.03 -7.78 -9.89
CA GLY A 108 13.95 -6.99 -9.11
C GLY A 108 14.07 -7.46 -7.67
N ALA A 109 12.98 -7.95 -7.05
CA ALA A 109 13.00 -8.47 -5.68
C ALA A 109 13.76 -9.81 -5.59
N LEU A 110 13.62 -10.67 -6.62
CA LEU A 110 14.39 -11.91 -6.63
C LEU A 110 15.86 -11.57 -6.90
N GLU A 111 16.23 -10.69 -7.85
CA GLU A 111 17.61 -10.27 -8.07
C GLU A 111 18.22 -9.75 -6.77
N PHE A 112 17.50 -8.91 -6.02
CA PHE A 112 18.05 -8.43 -4.76
C PHE A 112 18.23 -9.57 -3.75
N ALA A 113 17.28 -10.53 -3.69
CA ALA A 113 17.40 -11.64 -2.80
C ALA A 113 18.65 -12.47 -3.10
N LEU A 114 18.91 -12.77 -4.37
CA LEU A 114 20.07 -13.58 -4.72
C LEU A 114 21.31 -12.79 -4.33
N SER A 115 21.31 -11.46 -4.53
CA SER A 115 22.44 -10.61 -4.15
C SER A 115 22.73 -10.67 -2.64
N GLN A 116 21.70 -10.98 -1.87
CA GLN A 116 21.84 -11.05 -0.46
C GLN A 116 22.10 -12.44 -0.02
N GLY A 117 22.25 -13.43 -0.90
CA GLY A 117 22.57 -14.75 -0.42
C GLY A 117 21.40 -15.69 -0.35
N PHE A 118 20.17 -15.27 -0.69
CA PHE A 118 19.09 -16.21 -0.53
C PHE A 118 19.26 -17.15 -1.72
N LYS A 119 18.82 -18.39 -1.48
CA LYS A 119 19.02 -19.47 -2.42
C LYS A 119 17.71 -19.74 -3.13
N LYS A 120 17.87 -19.80 -4.43
CA LYS A 120 16.75 -20.08 -5.29
C LYS A 120 16.27 -21.53 -5.08
N GLU A 121 14.98 -21.70 -4.79
CA GLU A 121 14.36 -23.00 -4.52
C GLU A 121 13.05 -23.16 -5.32
N ASN A 122 12.61 -24.40 -5.62
CA ASN A 122 11.40 -24.60 -6.40
C ASN A 122 10.35 -24.69 -5.34
N LEU A 123 9.45 -23.73 -5.26
CA LEU A 123 8.45 -23.72 -4.24
C LEU A 123 7.15 -24.46 -4.61
N LEU A 124 7.06 -24.86 -5.89
CA LEU A 124 5.88 -25.58 -6.36
C LEU A 124 6.03 -27.05 -5.97
N THR A 125 5.24 -27.50 -4.97
CA THR A 125 5.25 -28.91 -4.56
C THR A 125 4.44 -29.72 -5.54
N ALA A 126 4.71 -31.02 -5.59
CA ALA A 126 3.96 -31.89 -6.48
C ALA A 126 2.50 -31.82 -6.13
N GLU A 127 2.16 -31.72 -4.86
CA GLU A 127 0.79 -31.58 -4.44
C GLU A 127 0.15 -30.28 -5.03
N SER A 128 0.81 -29.13 -4.88
CA SER A 128 0.26 -27.92 -5.44
C SER A 128 0.22 -27.93 -6.97
N GLU A 129 1.20 -28.54 -7.64
CA GLU A 129 1.23 -28.62 -9.10
C GLU A 129 0.06 -29.49 -9.59
N LYS A 130 -0.15 -30.61 -8.91
CA LYS A 130 -1.26 -31.52 -9.16
C LYS A 130 -2.57 -30.78 -9.00
N GLU A 131 -2.86 -30.15 -7.86
CA GLU A 131 -4.09 -29.38 -7.70
C GLU A 131 -4.23 -28.28 -8.73
N TRP A 132 -3.12 -27.66 -9.18
CA TRP A 132 -3.17 -26.56 -10.14
C TRP A 132 -3.68 -27.05 -11.47
N LYS A 133 -2.97 -28.05 -11.98
CA LYS A 133 -3.37 -28.68 -13.23
C LYS A 133 -4.77 -29.24 -13.09
N GLU A 134 -5.16 -29.77 -11.95
CA GLU A 134 -6.52 -30.26 -11.75
C GLU A 134 -7.49 -29.07 -11.88
N TRP A 135 -7.22 -27.91 -11.26
CA TRP A 135 -8.03 -26.70 -11.34
C TRP A 135 -8.12 -26.15 -12.77
N LEU A 136 -7.10 -26.31 -13.61
CA LEU A 136 -7.12 -25.76 -14.97
C LEU A 136 -8.28 -26.17 -15.89
N ASP A 151 -5.50 -18.15 3.94
CA ASP A 151 -4.81 -16.90 3.67
C ASP A 151 -3.54 -16.55 4.44
N ALA A 152 -3.16 -15.34 4.63
CA ALA A 152 -1.87 -14.94 5.12
C ALA A 152 -1.67 -15.34 6.57
N ILE A 153 -0.41 -15.38 7.01
CA ILE A 153 -0.20 -15.36 8.46
C ILE A 153 0.31 -13.92 8.77
N GLY A 154 -0.38 -13.27 9.68
CA GLY A 154 0.05 -12.02 10.22
C GLY A 154 0.40 -12.30 11.70
N MET A 155 1.45 -11.66 12.21
CA MET A 155 1.91 -11.82 13.60
C MET A 155 2.45 -10.51 14.07
N ILE A 156 2.03 -10.12 15.26
CA ILE A 156 2.40 -8.89 15.90
C ILE A 156 2.85 -9.23 17.31
N ALA A 157 3.88 -8.55 17.83
CA ALA A 157 4.41 -8.89 19.12
C ALA A 157 4.90 -7.66 19.88
N LEU A 158 4.83 -7.74 21.23
CA LEU A 158 5.40 -6.74 22.13
C LEU A 158 6.45 -7.51 22.94
N ASP A 159 7.70 -7.12 22.86
CA ASP A 159 8.77 -7.79 23.56
C ASP A 159 8.94 -7.24 24.98
N ALA A 160 9.93 -7.74 25.76
CA ALA A 160 10.22 -7.26 27.11
C ALA A 160 10.62 -5.82 27.25
N GLN A 161 11.14 -5.14 26.21
CA GLN A 161 11.51 -3.73 26.27
C GLN A 161 10.30 -2.86 26.04
N GLY A 162 9.16 -3.51 25.75
CA GLY A 162 7.96 -2.72 25.50
C GLY A 162 7.92 -2.16 24.08
N ASN A 163 8.63 -2.79 23.14
CA ASN A 163 8.65 -2.45 21.71
C ASN A 163 7.86 -3.45 20.90
N LEU A 164 7.21 -2.92 19.91
CA LEU A 164 6.31 -3.66 19.00
C LEU A 164 6.91 -4.02 17.65
N SER A 165 6.64 -5.14 17.00
CA SER A 165 6.95 -5.34 15.61
C SER A 165 5.95 -6.31 15.01
N GLY A 166 5.86 -6.37 13.67
CA GLY A 166 4.95 -7.28 13.01
C GLY A 166 5.50 -7.77 11.67
N ALA A 167 4.91 -8.85 11.20
CA ALA A 167 5.33 -9.50 9.98
C ALA A 167 4.07 -10.10 9.38
N CYS A 168 3.94 -10.07 8.04
CA CYS A 168 2.78 -10.61 7.36
C CYS A 168 3.33 -11.36 6.18
N THR A 169 2.87 -12.57 5.84
CA THR A 169 3.41 -13.29 4.71
C THR A 169 2.33 -14.24 4.15
N THR A 170 2.27 -14.39 2.82
CA THR A 170 1.28 -15.18 2.13
C THR A 170 1.73 -15.66 0.74
N SER A 171 1.00 -16.64 0.16
CA SER A 171 1.13 -16.95 -1.26
C SER A 171 -0.07 -16.31 -1.98
N GLY A 172 -0.91 -15.59 -1.26
CA GLY A 172 -1.96 -14.90 -1.97
C GLY A 172 -3.02 -15.88 -2.40
N MET A 173 -3.93 -15.35 -3.21
CA MET A 173 -5.13 -16.10 -3.58
C MET A 173 -4.74 -17.26 -4.46
N ALA A 174 -5.18 -18.50 -4.24
CA ALA A 174 -4.78 -19.57 -5.17
C ALA A 174 -5.44 -19.26 -6.51
N TYR A 175 -4.64 -19.40 -7.55
CA TYR A 175 -5.04 -19.18 -8.93
C TYR A 175 -5.45 -17.73 -9.28
N LYS A 176 -4.90 -16.81 -8.47
CA LYS A 176 -4.90 -15.37 -8.81
C LYS A 176 -4.23 -15.15 -10.22
N MET A 177 -4.53 -14.05 -10.92
CA MET A 177 -3.86 -13.68 -12.16
C MET A 177 -2.37 -13.47 -11.80
N HIS A 178 -1.55 -13.85 -12.77
CA HIS A 178 -0.12 -13.64 -12.66
C HIS A 178 0.10 -12.15 -12.36
N GLY A 179 0.95 -11.80 -11.43
CA GLY A 179 1.15 -10.40 -11.06
C GLY A 179 0.21 -9.90 -9.97
N ARG A 180 -0.76 -10.65 -9.49
CA ARG A 180 -1.66 -10.06 -8.49
C ARG A 180 -1.02 -9.87 -7.11
N VAL A 181 -1.21 -8.67 -6.55
CA VAL A 181 -0.75 -8.37 -5.23
C VAL A 181 -1.93 -8.14 -4.29
N GLY A 182 -1.84 -8.72 -3.11
CA GLY A 182 -2.84 -8.46 -2.10
C GLY A 182 -2.31 -7.44 -1.11
N ASP A 183 -2.92 -7.55 0.09
CA ASP A 183 -2.75 -6.67 1.25
C ASP A 183 -1.55 -7.01 2.08
N SER A 184 -1.08 -8.27 2.17
CA SER A 184 0.09 -8.66 2.99
C SER A 184 1.40 -7.88 2.81
N PRO A 185 1.84 -7.36 1.64
CA PRO A 185 3.08 -6.64 1.53
C PRO A 185 2.85 -5.15 1.63
N ILE A 186 1.58 -4.75 1.82
CA ILE A 186 1.26 -3.35 1.93
C ILE A 186 1.04 -2.80 3.37
N ILE A 187 1.91 -1.84 3.76
CA ILE A 187 1.90 -1.17 5.05
C ILE A 187 0.58 -0.42 5.15
N GLY A 188 -0.09 -0.55 6.30
CA GLY A 188 -1.35 0.05 6.45
C GLY A 188 -2.44 -0.82 5.90
N ALA A 189 -2.26 -1.82 5.05
CA ALA A 189 -3.30 -2.72 4.62
C ALA A 189 -3.10 -4.01 5.41
N GLY A 190 -2.15 -4.89 5.09
CA GLY A 190 -2.08 -6.12 5.82
C GLY A 190 -1.40 -5.89 7.16
N LEU A 191 -0.63 -4.81 7.45
CA LEU A 191 0.15 -4.67 8.67
C LEU A 191 0.45 -3.22 8.88
N PHE A 192 0.32 -2.75 10.12
CA PHE A 192 0.80 -1.44 10.52
C PHE A 192 1.21 -1.51 11.96
N VAL A 193 2.36 -0.92 12.29
CA VAL A 193 2.90 -0.89 13.67
C VAL A 193 3.24 0.57 13.94
N ASP A 194 2.91 1.13 15.11
CA ASP A 194 3.43 2.41 15.52
C ASP A 194 3.73 2.14 17.00
N ASN A 195 4.98 2.28 17.36
CA ASN A 195 5.47 1.95 18.69
C ASN A 195 4.97 2.87 19.78
N GLU A 196 4.43 4.02 19.49
CA GLU A 196 3.82 4.83 20.51
C GLU A 196 2.37 4.40 20.65
N ILE A 197 1.78 3.53 19.78
CA ILE A 197 0.36 3.27 19.88
C ILE A 197 0.01 1.82 20.03
N GLY A 198 0.46 1.07 19.06
CA GLY A 198 0.02 -0.29 18.90
C GLY A 198 0.32 -0.80 17.48
N ALA A 199 -0.07 -2.04 17.26
CA ALA A 199 0.16 -2.78 16.05
C ALA A 199 -1.13 -3.49 15.66
N ALA A 200 -1.35 -3.72 14.37
CA ALA A 200 -2.46 -4.56 13.95
C ALA A 200 -2.09 -5.34 12.68
N THR A 201 -2.62 -6.55 12.45
CA THR A 201 -2.46 -7.27 11.18
C THR A 201 -3.86 -7.69 10.76
N ALA A 202 -4.05 -7.96 9.47
CA ALA A 202 -5.35 -8.25 8.91
C ALA A 202 -5.37 -9.64 8.33
N THR A 203 -6.57 -10.22 8.36
CA THR A 203 -6.95 -11.49 7.76
C THR A 203 -8.08 -11.17 6.76
N GLY A 204 -8.27 -12.00 5.76
CA GLY A 204 -9.35 -11.88 4.83
C GLY A 204 -8.98 -11.53 3.39
N HIS A 205 -10.01 -11.07 2.69
CA HIS A 205 -9.89 -10.77 1.25
C HIS A 205 -9.01 -9.54 1.05
N GLY A 206 -7.83 -9.78 0.47
CA GLY A 206 -6.81 -8.76 0.16
C GLY A 206 -7.29 -7.40 -0.32
N GLU A 207 -8.08 -7.47 -1.41
CA GLU A 207 -8.74 -6.36 -2.08
C GLU A 207 -9.52 -5.47 -1.14
N GLU A 208 -10.23 -6.07 -0.19
CA GLU A 208 -11.02 -5.30 0.76
C GLU A 208 -10.20 -4.65 1.82
N VAL A 209 -9.13 -5.32 2.24
CA VAL A 209 -8.28 -4.73 3.26
C VAL A 209 -7.56 -3.56 2.60
N ILE A 210 -7.19 -3.63 1.33
CA ILE A 210 -6.51 -2.51 0.64
C ILE A 210 -7.41 -1.30 0.53
N ARG A 211 -8.63 -1.63 0.10
CA ARG A 211 -9.66 -0.63 -0.16
C ARG A 211 -9.89 0.24 1.05
N THR A 212 -9.85 -0.40 2.23
CA THR A 212 -10.15 0.34 3.44
C THR A 212 -8.93 0.74 4.25
N VAL A 213 -7.77 0.27 3.78
CA VAL A 213 -6.47 0.54 4.42
C VAL A 213 -6.63 0.24 5.94
N GLY A 214 -7.07 -0.98 6.11
CA GLY A 214 -7.68 -1.45 7.37
C GLY A 214 -6.86 -1.39 8.65
N THR A 215 -5.60 -1.77 8.60
CA THR A 215 -4.79 -1.85 9.78
C THR A 215 -4.28 -0.44 10.15
N HIS A 216 -4.08 0.43 9.16
CA HIS A 216 -3.68 1.80 9.54
C HIS A 216 -4.86 2.43 10.28
N LEU A 217 -6.08 2.11 9.82
CA LEU A 217 -7.30 2.56 10.48
C LEU A 217 -7.44 1.97 11.88
N VAL A 218 -7.12 0.68 12.09
CA VAL A 218 -7.20 0.11 13.44
C VAL A 218 -6.26 0.86 14.39
N VAL A 219 -4.99 1.00 14.03
CA VAL A 219 -4.06 1.73 14.88
C VAL A 219 -4.44 3.21 15.07
N GLU A 220 -4.98 3.92 14.06
CA GLU A 220 -5.31 5.35 14.28
C GLU A 220 -6.51 5.38 15.23
N LEU A 221 -7.38 4.38 15.28
CA LEU A 221 -8.48 4.38 16.26
C LEU A 221 -7.83 4.01 17.58
N MET A 222 -6.80 3.18 17.74
CA MET A 222 -6.19 3.05 19.03
C MET A 222 -5.52 4.37 19.48
N ASN A 223 -5.00 5.15 18.54
CA ASN A 223 -4.38 6.46 18.77
C ASN A 223 -5.42 7.44 19.26
N GLN A 224 -6.60 7.36 18.65
CA GLN A 224 -7.68 8.26 19.01
C GLN A 224 -8.31 7.72 20.28
N GLY A 225 -7.64 6.94 21.12
CA GLY A 225 -8.21 6.53 22.37
C GLY A 225 -8.89 5.20 22.36
N ARG A 226 -9.05 4.40 21.33
CA ARG A 226 -9.80 3.17 21.51
C ARG A 226 -8.95 2.02 22.00
N THR A 227 -9.64 1.10 22.69
CA THR A 227 -9.13 -0.19 23.14
C THR A 227 -8.74 -1.03 21.88
N PRO A 228 -7.78 -2.01 21.80
CA PRO A 228 -7.51 -2.89 20.64
C PRO A 228 -8.75 -3.55 20.05
N GLN A 229 -9.54 -4.08 20.95
CA GLN A 229 -10.80 -4.74 20.62
C GLN A 229 -11.82 -3.73 20.03
N GLN A 230 -12.09 -2.62 20.69
CA GLN A 230 -12.95 -1.58 20.16
C GLN A 230 -12.47 -1.12 18.78
N ALA A 231 -11.16 -0.85 18.63
CA ALA A 231 -10.58 -0.39 17.38
C ALA A 231 -10.80 -1.40 16.27
N CYS A 232 -10.58 -2.70 16.51
CA CYS A 232 -10.83 -3.73 15.51
C CYS A 232 -12.30 -3.74 15.11
N LYS A 233 -13.21 -3.74 16.11
CA LYS A 233 -14.64 -3.74 15.85
C LYS A 233 -15.15 -2.54 15.04
N GLU A 234 -14.74 -1.32 15.40
CA GLU A 234 -15.13 -0.11 14.68
C GLU A 234 -14.58 -0.12 13.27
N ALA A 235 -13.34 -0.63 13.06
CA ALA A 235 -12.77 -0.75 11.75
C ALA A 235 -13.61 -1.66 10.87
N VAL A 236 -13.92 -2.85 11.38
CA VAL A 236 -14.74 -3.84 10.68
C VAL A 236 -16.10 -3.26 10.37
N GLU A 237 -16.72 -2.53 11.30
CA GLU A 237 -18.00 -1.91 11.10
C GLU A 237 -17.99 -0.84 10.03
N ARG A 238 -16.84 -0.16 9.87
CA ARG A 238 -16.65 0.82 8.80
C ARG A 238 -16.59 0.06 7.51
N ILE A 239 -15.91 -1.07 7.52
CA ILE A 239 -15.86 -1.89 6.32
C ILE A 239 -17.26 -2.45 5.96
N VAL A 240 -18.07 -2.89 6.92
CA VAL A 240 -19.43 -3.39 6.68
C VAL A 240 -20.21 -2.28 5.97
N LYS A 241 -20.13 -1.03 6.43
CA LYS A 241 -20.85 0.04 5.77
C LYS A 241 -20.39 0.30 4.34
N ILE A 242 -19.09 0.17 4.06
CA ILE A 242 -18.62 0.35 2.71
C ILE A 242 -19.08 -0.81 1.83
N VAL A 243 -19.04 -2.12 2.22
CA VAL A 243 -19.49 -3.14 1.26
C VAL A 243 -20.99 -2.95 0.97
N ASN A 244 -21.80 -2.49 1.96
CA ASN A 244 -23.16 -2.20 1.66
C ASN A 244 -23.30 -1.01 0.70
N ARG A 245 -22.54 0.08 0.87
CA ARG A 245 -22.54 1.18 -0.10
C ARG A 245 -22.06 0.72 -1.48
N ARG A 246 -21.17 -0.27 -1.52
CA ARG A 246 -20.74 -0.80 -2.78
C ARG A 246 -21.78 -1.80 -3.30
N GLY A 247 -22.86 -2.02 -2.56
CA GLY A 247 -23.91 -2.94 -2.99
C GLY A 247 -23.45 -4.36 -2.99
N LYS A 248 -22.53 -4.71 -2.09
CA LYS A 248 -22.03 -6.06 -2.02
C LYS A 248 -22.70 -6.83 -0.89
N ASN A 249 -22.73 -8.15 -1.02
CA ASN A 249 -23.30 -9.04 -0.03
C ASN A 249 -22.21 -9.37 0.98
N LEU A 250 -22.43 -9.06 2.24
CA LEU A 250 -21.48 -9.28 3.31
C LEU A 250 -21.00 -10.71 3.43
N LYS A 251 -21.84 -11.67 3.03
CA LYS A 251 -21.47 -13.08 3.12
C LYS A 251 -20.30 -13.45 2.21
N ASP A 252 -20.10 -12.64 1.18
CA ASP A 252 -19.03 -12.84 0.21
C ASP A 252 -17.64 -12.30 0.59
N ILE A 253 -17.67 -11.36 1.57
CA ILE A 253 -16.41 -10.76 1.94
C ILE A 253 -16.04 -10.97 3.42
N GLN A 254 -14.76 -11.24 3.61
CA GLN A 254 -14.27 -11.42 4.97
C GLN A 254 -13.09 -10.52 5.15
N VAL A 255 -12.94 -10.13 6.40
CA VAL A 255 -11.92 -9.20 6.84
C VAL A 255 -11.93 -9.35 8.35
N GLY A 256 -10.79 -9.55 8.98
CA GLY A 256 -10.67 -9.55 10.42
C GLY A 256 -9.35 -8.89 10.79
N PHE A 257 -9.18 -8.45 12.00
CA PHE A 257 -7.94 -7.84 12.42
C PHE A 257 -7.59 -8.38 13.77
N ILE A 258 -6.32 -8.44 14.12
CA ILE A 258 -5.95 -8.70 15.50
C ILE A 258 -5.15 -7.46 15.85
N ALA A 259 -5.19 -6.96 17.09
CA ALA A 259 -4.49 -5.74 17.41
C ALA A 259 -3.87 -5.82 18.78
N LEU A 260 -2.81 -5.06 18.98
CA LEU A 260 -2.06 -5.06 20.21
C LEU A 260 -1.72 -3.61 20.51
N ASN A 261 -1.81 -3.14 21.76
CA ASN A 261 -1.36 -1.81 22.04
C ASN A 261 -0.09 -1.88 22.88
N LYS A 262 0.37 -0.70 23.27
CA LYS A 262 1.55 -0.56 24.12
C LYS A 262 1.56 -1.12 25.53
N LYS A 263 0.38 -1.31 26.11
CA LYS A 263 0.24 -1.94 27.39
C LYS A 263 0.05 -3.48 27.25
N GLY A 264 -0.01 -4.08 26.04
CA GLY A 264 -0.10 -5.52 25.93
C GLY A 264 -1.50 -6.03 25.94
N GLU A 265 -2.47 -5.12 25.80
CA GLU A 265 -3.86 -5.50 25.65
C GLU A 265 -3.92 -5.81 24.15
N TYR A 266 -4.79 -6.75 23.86
CA TYR A 266 -5.00 -7.20 22.51
C TYR A 266 -6.48 -7.37 22.24
N GLY A 267 -6.88 -7.49 20.99
CA GLY A 267 -8.27 -7.60 20.61
C GLY A 267 -8.33 -8.11 19.19
N ALA A 268 -9.51 -8.38 18.69
CA ALA A 268 -9.72 -8.96 17.38
C ALA A 268 -11.19 -8.83 17.03
N TYR A 269 -11.55 -8.90 15.77
CA TYR A 269 -12.95 -8.79 15.36
C TYR A 269 -12.96 -9.08 13.86
N CYS A 270 -14.06 -9.64 13.36
CA CYS A 270 -14.13 -9.89 11.94
C CYS A 270 -15.53 -9.77 11.45
N ILE A 271 -15.73 -9.65 10.13
CA ILE A 271 -17.09 -9.53 9.56
C ILE A 271 -17.88 -10.81 9.83
N GLN A 272 -17.22 -11.94 9.62
CA GLN A 272 -17.84 -13.24 9.76
C GLN A 272 -17.17 -14.09 10.79
N ASP A 273 -17.98 -14.98 11.32
CA ASP A 273 -17.55 -16.05 12.18
C ASP A 273 -16.61 -17.11 11.57
N GLY A 274 -15.85 -17.77 12.42
CA GLY A 274 -15.05 -18.85 11.94
C GLY A 274 -13.57 -18.58 11.82
N PHE A 275 -13.07 -17.38 12.13
CA PHE A 275 -11.63 -17.22 12.11
C PHE A 275 -11.15 -17.55 13.52
N ASN A 276 -9.87 -17.77 13.73
CA ASN A 276 -9.36 -17.94 15.10
C ASN A 276 -7.96 -17.33 15.14
N PHE A 277 -7.49 -16.88 16.34
CA PHE A 277 -6.13 -16.37 16.35
C PHE A 277 -5.41 -16.91 17.57
N ALA A 278 -4.07 -16.99 17.56
CA ALA A 278 -3.31 -17.46 18.72
C ALA A 278 -2.66 -16.32 19.47
N VAL A 279 -2.71 -16.40 20.80
CA VAL A 279 -2.24 -15.41 21.78
C VAL A 279 -1.24 -16.14 22.69
N HIS A 280 0.00 -15.72 22.76
CA HIS A 280 0.94 -16.31 23.68
C HIS A 280 1.44 -15.19 24.55
N ASP A 281 1.19 -15.28 25.84
CA ASP A 281 1.81 -14.39 26.78
C ASP A 281 2.35 -15.26 27.92
N GLN A 282 2.50 -14.74 29.14
CA GLN A 282 3.05 -15.51 30.23
C GLN A 282 2.05 -16.50 30.83
N LYS A 283 0.72 -16.44 30.45
CA LYS A 283 -0.38 -17.38 30.71
C LYS A 283 -0.33 -18.57 29.73
N GLY A 284 0.59 -18.53 28.81
CA GLY A 284 0.65 -19.62 27.86
C GLY A 284 0.06 -19.22 26.51
N ASN A 285 -0.03 -20.21 25.66
CA ASN A 285 -0.41 -20.03 24.27
C ASN A 285 -1.83 -20.55 24.11
N ARG A 286 -2.72 -19.86 23.42
CA ARG A 286 -4.08 -20.35 23.29
C ARG A 286 -4.75 -19.77 22.06
N LEU A 287 -5.72 -20.56 21.57
CA LEU A 287 -6.52 -20.10 20.44
C LEU A 287 -7.76 -19.45 20.96
N GLU A 288 -8.01 -18.20 20.55
CA GLU A 288 -9.18 -17.46 20.95
C GLU A 288 -10.01 -17.16 19.67
N THR A 289 -11.26 -16.78 19.90
CA THR A 289 -12.25 -16.55 18.86
C THR A 289 -12.79 -15.15 19.11
N PRO A 290 -12.50 -14.30 18.12
CA PRO A 290 -13.06 -12.93 17.97
C PRO A 290 -14.55 -12.68 17.97
N GLY A 291 -14.89 -11.42 18.19
CA GLY A 291 -16.24 -10.95 17.95
C GLY A 291 -16.50 -10.83 16.43
N PHE A 292 -17.76 -10.70 16.04
CA PHE A 292 -18.03 -10.61 14.62
C PHE A 292 -19.40 -10.02 14.32
N ALA A 293 -19.45 -9.33 13.23
CA ALA A 293 -20.61 -8.57 12.80
C ALA A 293 -21.81 -9.33 12.17
N LEU A 294 -21.65 -10.30 11.30
CA LEU A 294 -22.72 -10.91 10.60
C LEU A 294 -23.13 -12.01 11.55
N THR B 2 -20.75 25.08 -1.73
CA THR B 2 -19.85 24.05 -2.30
C THR B 2 -19.06 24.57 -3.53
N ASN B 3 -17.77 24.41 -3.60
CA ASN B 3 -17.11 24.91 -4.80
C ASN B 3 -17.04 23.70 -5.70
N LYS B 4 -17.98 23.49 -6.61
CA LYS B 4 -17.84 22.32 -7.45
C LYS B 4 -18.21 22.72 -8.84
N PRO B 5 -17.64 22.19 -9.93
CA PRO B 5 -16.49 21.29 -9.84
C PRO B 5 -15.16 22.01 -9.52
N ILE B 6 -14.19 21.26 -8.97
CA ILE B 6 -12.86 21.77 -8.64
C ILE B 6 -11.89 20.58 -8.85
N VAL B 7 -10.68 20.83 -9.40
CA VAL B 7 -9.60 19.85 -9.63
C VAL B 7 -8.38 20.45 -8.96
N LEU B 8 -7.58 19.65 -8.27
CA LEU B 8 -6.25 20.09 -7.88
C LEU B 8 -5.27 19.03 -8.37
N SER B 9 -4.06 19.45 -8.73
CA SER B 9 -3.03 18.49 -9.08
C SER B 9 -1.66 19.01 -8.64
N THR B 10 -0.67 18.11 -8.50
CA THR B 10 0.64 18.44 -7.97
C THR B 10 1.57 19.07 -9.02
N TRP B 11 2.35 20.05 -8.54
CA TRP B 11 3.43 20.71 -9.30
C TRP B 11 2.94 21.55 -10.46
N ASN B 12 3.94 22.27 -11.04
CA ASN B 12 3.65 23.24 -12.06
C ASN B 12 2.96 22.65 -13.27
N PHE B 13 3.29 21.41 -13.74
CA PHE B 13 2.64 20.69 -14.84
C PHE B 13 1.17 20.38 -14.55
N GLY B 14 0.78 20.55 -13.28
CA GLY B 14 -0.59 20.42 -12.89
C GLY B 14 -1.48 21.48 -13.52
N LEU B 15 -1.00 22.67 -13.93
CA LEU B 15 -1.90 23.67 -14.51
C LEU B 15 -2.44 23.17 -15.81
N HIS B 16 -1.55 22.62 -16.65
CA HIS B 16 -1.92 22.08 -17.94
C HIS B 16 -2.78 20.86 -17.80
N ALA B 17 -2.37 19.96 -16.90
CA ALA B 17 -3.14 18.77 -16.63
C ALA B 17 -4.58 19.18 -16.23
N ASN B 18 -4.67 20.22 -15.40
CA ASN B 18 -5.95 20.76 -14.99
C ASN B 18 -6.82 21.28 -16.12
N VAL B 19 -6.28 21.90 -17.17
CA VAL B 19 -7.04 22.37 -18.33
C VAL B 19 -7.70 21.14 -19.00
N GLU B 20 -7.02 20.01 -19.20
CA GLU B 20 -7.65 18.82 -19.71
C GLU B 20 -8.75 18.27 -18.83
N ALA B 21 -8.55 18.20 -17.49
CA ALA B 21 -9.56 17.73 -16.56
C ALA B 21 -10.80 18.64 -16.58
N TRP B 22 -10.60 19.98 -16.67
CA TRP B 22 -11.69 20.95 -16.68
C TRP B 22 -12.54 20.73 -17.90
N LYS B 23 -12.00 20.29 -19.04
CA LYS B 23 -12.79 19.98 -20.20
C LYS B 23 -13.90 18.99 -19.91
N VAL B 24 -13.65 18.05 -19.02
CA VAL B 24 -14.65 17.07 -18.62
C VAL B 24 -15.58 17.67 -17.58
N LEU B 25 -14.95 18.17 -16.53
CA LEU B 25 -15.66 18.69 -15.38
C LEU B 25 -16.57 19.85 -15.74
N SER B 26 -16.13 20.74 -16.65
CA SER B 26 -16.94 21.86 -17.03
C SER B 26 -18.10 21.34 -17.79
N LYS B 27 -18.10 20.13 -18.37
CA LYS B 27 -19.27 19.70 -19.09
C LYS B 27 -20.22 18.89 -18.20
N GLY B 28 -20.05 18.80 -16.90
CA GLY B 28 -20.84 17.89 -16.07
C GLY B 28 -20.36 16.41 -16.17
N GLY B 29 -19.13 16.14 -16.66
CA GLY B 29 -18.66 14.78 -16.77
C GLY B 29 -18.18 14.27 -15.40
N LYS B 30 -17.78 13.01 -15.35
CA LYS B 30 -17.44 12.38 -14.11
C LYS B 30 -16.07 12.71 -13.61
N ALA B 31 -15.88 12.85 -12.30
CA ALA B 31 -14.58 13.08 -11.71
C ALA B 31 -13.59 12.00 -12.13
N LEU B 32 -14.01 10.75 -12.22
CA LEU B 32 -13.18 9.63 -12.68
C LEU B 32 -12.59 9.85 -14.10
N ASP B 33 -13.43 10.32 -15.04
CA ASP B 33 -12.92 10.54 -16.36
C ASP B 33 -12.04 11.76 -16.40
N ALA B 34 -12.38 12.82 -15.66
CA ALA B 34 -11.56 14.01 -15.64
C ALA B 34 -10.14 13.81 -15.09
N VAL B 35 -9.98 13.03 -14.00
CA VAL B 35 -8.64 12.83 -13.43
C VAL B 35 -7.89 11.89 -14.34
N GLU B 36 -8.47 10.91 -15.01
CA GLU B 36 -7.70 10.04 -15.90
C GLU B 36 -7.24 10.77 -17.16
N LYS B 37 -8.12 11.56 -17.71
CA LYS B 37 -7.82 12.45 -18.82
C LYS B 37 -6.67 13.45 -18.44
N GLY B 38 -6.75 14.07 -17.27
CA GLY B 38 -5.77 15.05 -16.89
C GLY B 38 -4.37 14.48 -16.69
N VAL B 39 -4.22 13.36 -15.97
CA VAL B 39 -2.85 12.88 -15.74
C VAL B 39 -2.26 12.19 -16.96
N ARG B 40 -3.16 11.75 -17.84
CA ARG B 40 -2.77 11.16 -19.11
C ARG B 40 -2.01 12.14 -20.01
N LEU B 41 -2.34 13.44 -19.93
CA LEU B 41 -1.67 14.50 -20.67
C LEU B 41 -0.19 14.46 -20.33
N VAL B 42 0.14 14.31 -19.06
CA VAL B 42 1.52 14.34 -18.59
C VAL B 42 2.17 12.99 -18.93
N GLU B 43 1.47 11.84 -18.81
CA GLU B 43 1.99 10.56 -19.28
C GLU B 43 2.41 10.55 -20.75
N ASP B 44 1.64 11.23 -21.61
CA ASP B 44 1.95 11.32 -23.03
C ASP B 44 3.14 12.23 -23.38
N ASP B 45 3.49 13.15 -22.50
CA ASP B 45 4.49 14.13 -22.79
C ASP B 45 5.92 13.63 -22.53
N PRO B 46 6.75 13.37 -23.56
CA PRO B 46 8.13 12.95 -23.41
C PRO B 46 9.01 13.99 -22.70
N THR B 47 8.58 15.27 -22.67
CA THR B 47 9.45 16.23 -22.06
C THR B 47 9.29 16.19 -20.56
N GLU B 48 8.26 15.48 -20.06
CA GLU B 48 8.08 15.34 -18.64
C GLU B 48 8.67 13.99 -18.28
N ARG B 49 9.70 14.17 -17.50
CA ARG B 49 10.63 13.12 -17.22
C ARG B 49 10.30 12.31 -15.99
N SER B 50 9.27 12.70 -15.21
CA SER B 50 8.89 12.00 -14.00
C SER B 50 7.68 11.07 -14.05
N VAL B 51 7.04 11.08 -15.22
CA VAL B 51 5.74 10.47 -15.45
C VAL B 51 5.84 9.93 -16.91
N GLY B 52 5.18 8.80 -17.14
CA GLY B 52 5.03 8.14 -18.43
C GLY B 52 6.26 8.09 -19.29
N TYR B 53 5.89 8.32 -20.55
CA TYR B 53 6.76 8.42 -21.70
C TYR B 53 7.85 9.44 -21.39
N GLY B 54 9.10 9.01 -21.47
CA GLY B 54 10.23 9.88 -21.16
C GLY B 54 10.67 9.82 -19.71
N GLY B 55 9.94 9.12 -18.83
CA GLY B 55 10.30 9.03 -17.42
C GLY B 55 11.67 8.41 -17.32
N ARG B 56 12.51 8.96 -16.46
CA ARG B 56 13.83 8.39 -16.24
C ARG B 56 13.76 6.94 -15.71
N PRO B 57 14.60 6.06 -16.25
CA PRO B 57 14.55 4.63 -16.00
C PRO B 57 15.15 4.20 -14.67
N ASP B 58 14.98 2.95 -14.27
CA ASP B 58 15.72 2.48 -13.13
C ASP B 58 17.23 2.46 -13.42
N ARG B 59 18.06 2.06 -12.47
CA ARG B 59 19.50 2.01 -12.69
C ARG B 59 19.86 0.97 -13.76
N ASP B 60 19.08 -0.06 -14.09
CA ASP B 60 19.41 -0.94 -15.19
C ASP B 60 18.93 -0.39 -16.51
N GLY B 61 18.35 0.82 -16.53
CA GLY B 61 17.88 1.42 -17.76
C GLY B 61 16.49 0.99 -18.24
N ARG B 62 15.63 0.41 -17.39
CA ARG B 62 14.28 0.02 -17.71
C ARG B 62 13.34 1.10 -17.19
N VAL B 63 12.41 1.62 -18.00
CA VAL B 63 11.45 2.61 -17.51
C VAL B 63 10.25 1.83 -16.98
N THR B 64 10.08 1.78 -15.66
CA THR B 64 8.90 1.04 -15.19
C THR B 64 7.98 2.05 -14.49
N LEU B 65 6.75 1.97 -14.87
CA LEU B 65 5.77 2.91 -14.38
C LEU B 65 4.84 2.32 -13.30
N ASP B 66 4.40 3.21 -12.44
CA ASP B 66 3.48 2.93 -11.36
C ASP B 66 2.29 3.89 -11.46
N ALA B 67 1.10 3.42 -11.11
CA ALA B 67 -0.10 4.26 -11.05
C ALA B 67 -1.25 3.61 -10.33
N CYS B 68 -2.10 4.44 -9.75
CA CYS B 68 -3.35 3.93 -9.25
C CYS B 68 -4.44 4.99 -9.41
N ILE B 69 -5.69 4.51 -9.25
CA ILE B 69 -6.85 5.35 -9.46
C ILE B 69 -7.90 4.85 -8.44
N MET B 70 -8.84 5.72 -8.08
CA MET B 70 -9.88 5.43 -7.11
C MET B 70 -11.01 6.38 -7.45
N ASP B 71 -12.19 5.80 -7.52
CA ASP B 71 -13.40 6.53 -7.87
C ASP B 71 -14.23 6.90 -6.63
N GLU B 72 -15.48 7.33 -6.70
CA GLU B 72 -16.30 7.73 -5.59
C GLU B 72 -16.96 6.60 -4.77
N ASN B 73 -16.76 5.31 -5.10
CA ASN B 73 -17.34 4.24 -4.28
C ASN B 73 -16.40 3.14 -3.83
N TYR B 74 -15.18 3.52 -3.49
CA TYR B 74 -14.06 2.65 -3.12
C TYR B 74 -13.58 1.62 -4.15
N ASN B 75 -13.83 1.84 -5.45
CA ASN B 75 -13.35 0.95 -6.47
C ASN B 75 -12.02 1.64 -6.70
N ILE B 76 -11.07 0.75 -6.92
CA ILE B 76 -9.65 1.10 -6.99
C ILE B 76 -8.98 0.16 -7.98
N GLY B 77 -7.93 0.69 -8.62
CA GLY B 77 -7.13 -0.09 -9.52
C GLY B 77 -5.72 0.36 -9.43
N SER B 78 -4.78 -0.56 -9.58
CA SER B 78 -3.37 -0.22 -9.49
C SER B 78 -2.48 -1.10 -10.29
N VAL B 79 -1.43 -0.47 -10.80
CA VAL B 79 -0.38 -1.16 -11.52
C VAL B 79 1.00 -0.65 -11.02
N ALA B 80 2.00 -1.52 -10.87
CA ALA B 80 3.31 -1.04 -10.47
C ALA B 80 4.40 -1.83 -11.17
N CYS B 81 5.46 -1.11 -11.53
CA CYS B 81 6.64 -1.61 -12.19
C CYS B 81 6.21 -2.32 -13.47
N MET B 82 5.39 -1.60 -14.21
CA MET B 82 4.94 -2.06 -15.52
C MET B 82 5.75 -1.33 -16.64
N GLU B 83 6.19 -2.13 -17.59
CA GLU B 83 7.01 -1.66 -18.71
C GLU B 83 6.22 -1.58 -19.99
N HIS B 84 6.71 -0.74 -20.91
CA HIS B 84 6.18 -0.61 -22.26
C HIS B 84 4.75 -0.11 -22.52
N ILE B 85 4.02 0.54 -21.56
CA ILE B 85 2.63 0.96 -21.79
C ILE B 85 2.69 2.38 -21.33
N LYS B 86 2.51 3.33 -22.26
CA LYS B 86 2.61 4.75 -21.98
C LYS B 86 1.65 5.31 -20.95
N ASN B 87 0.47 4.68 -20.87
CA ASN B 87 -0.55 5.18 -19.99
C ASN B 87 -0.95 4.21 -18.88
N PRO B 88 -0.12 4.08 -17.79
CA PRO B 88 -0.42 3.23 -16.65
C PRO B 88 -1.72 3.62 -15.90
N ILE B 89 -2.17 4.87 -15.92
CA ILE B 89 -3.42 5.19 -15.23
C ILE B 89 -4.65 4.50 -15.87
N SER B 90 -4.65 4.31 -17.19
CA SER B 90 -5.74 3.63 -17.88
C SER B 90 -5.65 2.11 -17.71
N VAL B 91 -4.44 1.54 -17.56
CA VAL B 91 -4.30 0.12 -17.28
C VAL B 91 -4.75 -0.11 -15.85
N ALA B 92 -4.40 0.78 -14.92
CA ALA B 92 -4.92 0.73 -13.55
C ALA B 92 -6.45 0.83 -13.52
N ARG B 93 -7.07 1.72 -14.32
CA ARG B 93 -8.52 1.81 -14.40
C ARG B 93 -9.11 0.47 -14.88
N ALA B 94 -8.44 -0.16 -15.84
CA ALA B 94 -8.85 -1.44 -16.38
C ALA B 94 -8.71 -2.54 -15.33
N VAL B 95 -7.71 -2.52 -14.48
CA VAL B 95 -7.57 -3.50 -13.39
C VAL B 95 -8.82 -3.38 -12.50
N MET B 96 -9.17 -2.14 -12.17
CA MET B 96 -10.36 -1.83 -11.41
C MET B 96 -11.68 -2.31 -12.05
N GLU B 97 -11.91 -1.99 -13.31
CA GLU B 97 -13.20 -2.27 -13.90
C GLU B 97 -13.31 -3.67 -14.45
N LYS B 98 -12.19 -4.30 -14.79
CA LYS B 98 -12.24 -5.55 -15.54
C LYS B 98 -11.71 -6.79 -14.87
N THR B 99 -11.16 -6.76 -13.67
CA THR B 99 -10.58 -7.96 -13.08
C THR B 99 -11.17 -8.06 -11.68
N PRO B 100 -11.03 -9.19 -11.00
CA PRO B 100 -11.35 -9.32 -9.59
C PRO B 100 -10.27 -8.83 -8.64
N HIS B 101 -9.19 -8.32 -9.18
CA HIS B 101 -8.09 -7.86 -8.34
C HIS B 101 -8.07 -6.36 -8.33
N VAL B 102 -7.24 -5.81 -7.45
CA VAL B 102 -7.01 -4.34 -7.43
C VAL B 102 -5.55 -3.99 -7.74
N MET B 103 -4.57 -4.87 -7.73
CA MET B 103 -3.21 -4.47 -8.06
C MET B 103 -2.53 -5.59 -8.77
N LEU B 104 -1.95 -5.22 -9.91
CA LEU B 104 -1.11 -6.10 -10.72
C LEU B 104 0.29 -5.52 -10.85
N VAL B 105 1.37 -6.31 -10.79
CA VAL B 105 2.71 -5.76 -10.89
C VAL B 105 3.59 -6.50 -11.88
N GLY B 106 4.56 -5.82 -12.48
CA GLY B 106 5.56 -6.45 -13.35
C GLY B 106 4.97 -6.96 -14.68
N ASP B 107 5.48 -8.08 -15.14
CA ASP B 107 5.05 -8.79 -16.33
C ASP B 107 3.58 -9.13 -16.31
N GLY B 108 2.97 -9.57 -15.22
CA GLY B 108 1.54 -9.81 -15.21
C GLY B 108 0.72 -8.58 -15.54
N ALA B 109 1.15 -7.36 -15.11
CA ALA B 109 0.45 -6.11 -15.43
C ALA B 109 0.58 -5.74 -16.91
N LEU B 110 1.75 -6.00 -17.52
CA LEU B 110 1.91 -5.76 -18.95
C LEU B 110 1.09 -6.80 -19.70
N GLU B 111 1.12 -8.11 -19.39
CA GLU B 111 0.29 -9.12 -20.03
C GLU B 111 -1.18 -8.71 -19.98
N PHE B 112 -1.69 -8.25 -18.82
CA PHE B 112 -3.07 -7.81 -18.76
C PHE B 112 -3.31 -6.58 -19.64
N ALA B 113 -2.37 -5.65 -19.72
CA ALA B 113 -2.51 -4.48 -20.55
C ALA B 113 -2.64 -4.86 -22.01
N LEU B 114 -1.80 -5.79 -22.50
CA LEU B 114 -1.84 -6.17 -23.90
C LEU B 114 -3.18 -6.85 -24.12
N SER B 115 -3.66 -7.66 -23.19
CA SER B 115 -4.96 -8.30 -23.30
C SER B 115 -6.12 -7.32 -23.44
N GLN B 116 -5.97 -6.04 -23.03
CA GLN B 116 -7.06 -5.08 -23.10
C GLN B 116 -6.85 -4.15 -24.26
N GLY B 117 -5.84 -4.44 -25.10
CA GLY B 117 -5.65 -3.66 -26.31
C GLY B 117 -4.63 -2.53 -26.15
N PHE B 118 -4.03 -2.25 -25.01
CA PHE B 118 -3.02 -1.19 -24.94
C PHE B 118 -1.89 -1.67 -25.83
N LYS B 119 -1.12 -0.69 -26.27
CA LYS B 119 -0.02 -0.96 -27.17
C LYS B 119 1.34 -0.70 -26.50
N LYS B 120 2.12 -1.70 -26.83
CA LYS B 120 3.47 -1.77 -26.34
C LYS B 120 4.29 -0.73 -27.09
N GLU B 121 4.91 0.18 -26.36
CA GLU B 121 5.69 1.27 -26.90
C GLU B 121 7.03 1.23 -26.20
N ASN B 122 8.02 1.94 -26.73
CA ASN B 122 9.34 2.06 -26.11
C ASN B 122 9.25 3.39 -25.38
N LEU B 123 9.39 3.41 -24.08
CA LEU B 123 9.23 4.67 -23.37
C LEU B 123 10.55 5.32 -23.03
N LEU B 124 11.67 4.65 -23.36
CA LEU B 124 12.97 5.27 -23.14
C LEU B 124 13.23 6.18 -24.37
N THR B 125 13.22 7.47 -24.10
CA THR B 125 13.56 8.44 -25.13
C THR B 125 15.10 8.45 -25.23
N ALA B 126 15.64 9.00 -26.32
CA ALA B 126 17.08 9.11 -26.49
C ALA B 126 17.64 10.01 -25.42
N GLU B 127 16.91 11.06 -25.05
CA GLU B 127 17.35 11.92 -23.97
C GLU B 127 17.51 11.15 -22.66
N SER B 128 16.50 10.38 -22.25
CA SER B 128 16.63 9.62 -21.02
C SER B 128 17.68 8.54 -21.09
N GLU B 129 17.86 7.89 -22.25
CA GLU B 129 18.88 6.85 -22.40
C GLU B 129 20.27 7.45 -22.29
N LYS B 130 20.46 8.61 -22.93
CA LYS B 130 21.68 9.40 -22.87
C LYS B 130 21.98 9.75 -21.42
N GLU B 131 21.09 10.42 -20.69
CA GLU B 131 21.31 10.72 -19.28
C GLU B 131 21.58 9.48 -18.45
N TRP B 132 20.94 8.34 -18.77
CA TRP B 132 21.11 7.11 -18.00
C TRP B 132 22.54 6.61 -18.10
N LYS B 133 22.95 6.41 -19.34
CA LYS B 133 24.31 5.99 -19.61
C LYS B 133 25.29 7.01 -19.08
N GLU B 134 24.98 8.30 -19.13
CA GLU B 134 25.84 9.32 -18.53
C GLU B 134 25.94 9.08 -17.03
N TRP B 135 24.81 8.85 -16.32
CA TRP B 135 24.75 8.55 -14.87
C TRP B 135 25.53 7.28 -14.52
N LEU B 136 25.58 6.26 -15.37
CA LEU B 136 26.26 5.01 -15.05
C LEU B 136 27.72 5.07 -14.63
N ASP B 151 7.71 14.32 -9.20
CA ASP B 151 7.87 12.94 -8.72
C ASP B 151 6.94 12.07 -9.57
N ALA B 152 5.66 12.26 -9.27
CA ALA B 152 4.41 11.74 -9.79
C ALA B 152 3.49 12.93 -10.11
N ILE B 153 2.46 12.70 -10.94
CA ILE B 153 1.37 13.65 -10.92
C ILE B 153 0.22 12.93 -10.17
N GLY B 154 -0.26 13.61 -9.15
CA GLY B 154 -1.46 13.22 -8.46
C GLY B 154 -2.54 14.27 -8.78
N MET B 155 -3.80 13.84 -8.97
CA MET B 155 -4.90 14.75 -9.26
C MET B 155 -6.14 14.20 -8.63
N ILE B 156 -6.87 15.08 -7.98
CA ILE B 156 -8.06 14.78 -7.24
C ILE B 156 -9.11 15.77 -7.69
N ALA B 157 -10.38 15.33 -7.82
CA ALA B 157 -11.42 16.24 -8.31
C ALA B 157 -12.77 15.96 -7.67
N LEU B 158 -13.60 17.02 -7.58
CA LEU B 158 -14.97 16.94 -7.11
C LEU B 158 -15.79 17.43 -8.32
N ASP B 159 -16.64 16.58 -8.87
CA ASP B 159 -17.45 16.93 -10.02
C ASP B 159 -18.74 17.64 -9.61
N ALA B 160 -19.41 18.11 -10.67
CA ALA B 160 -20.68 18.82 -10.51
C ALA B 160 -21.76 17.94 -9.82
N GLN B 161 -21.65 16.59 -9.87
CA GLN B 161 -22.48 15.69 -9.08
C GLN B 161 -22.03 15.64 -7.61
N GLY B 162 -20.95 16.30 -7.19
CA GLY B 162 -20.49 16.19 -5.81
C GLY B 162 -19.71 14.88 -5.57
N ASN B 163 -19.21 14.16 -6.58
CA ASN B 163 -18.45 12.93 -6.39
C ASN B 163 -17.00 13.20 -6.55
N LEU B 164 -16.27 12.58 -5.66
CA LEU B 164 -14.81 12.71 -5.65
C LEU B 164 -14.10 11.60 -6.41
N SER B 165 -13.00 11.80 -7.15
CA SER B 165 -12.16 10.71 -7.60
C SER B 165 -10.72 11.21 -7.72
N GLY B 166 -9.76 10.31 -7.79
CA GLY B 166 -8.35 10.66 -7.93
C GLY B 166 -7.57 9.67 -8.75
N ALA B 167 -6.42 10.12 -9.22
CA ALA B 167 -5.55 9.34 -10.07
C ALA B 167 -4.14 9.77 -9.74
N CYS B 168 -3.19 8.83 -9.72
CA CYS B 168 -1.81 9.16 -9.42
C CYS B 168 -0.99 8.37 -10.42
N THR B 169 0.08 8.92 -11.07
CA THR B 169 0.82 8.19 -12.05
C THR B 169 2.25 8.74 -12.07
N THR B 170 3.24 7.86 -12.25
CA THR B 170 4.66 8.21 -12.25
C THR B 170 5.53 7.19 -13.02
N SER B 171 6.79 7.58 -13.30
CA SER B 171 7.81 6.63 -13.75
C SER B 171 8.71 6.34 -12.52
N GLY B 172 8.55 6.93 -11.32
CA GLY B 172 9.35 6.56 -10.16
C GLY B 172 10.68 7.34 -10.02
N MET B 173 11.44 7.00 -8.97
CA MET B 173 12.72 7.63 -8.59
C MET B 173 13.68 7.27 -9.70
N ALA B 174 14.49 8.23 -10.13
CA ALA B 174 15.34 7.97 -11.29
C ALA B 174 16.45 7.11 -10.76
N TYR B 175 16.74 6.05 -11.50
CA TYR B 175 17.85 5.16 -11.15
C TYR B 175 17.64 4.41 -9.83
N LYS B 176 16.35 4.16 -9.52
CA LYS B 176 15.93 3.29 -8.43
C LYS B 176 16.42 1.88 -8.77
N MET B 177 16.52 0.97 -7.82
CA MET B 177 16.83 -0.43 -8.09
C MET B 177 15.63 -0.93 -8.87
N HIS B 178 15.94 -1.90 -9.72
CA HIS B 178 14.93 -2.57 -10.49
C HIS B 178 13.85 -3.21 -9.57
N GLY B 179 12.59 -3.04 -9.89
CA GLY B 179 11.54 -3.59 -9.03
C GLY B 179 11.12 -2.59 -7.98
N ARG B 180 11.75 -1.47 -7.67
CA ARG B 180 11.34 -0.58 -6.65
C ARG B 180 9.99 0.07 -6.92
N VAL B 181 9.17 0.18 -5.85
CA VAL B 181 7.86 0.74 -5.94
C VAL B 181 7.78 1.74 -4.86
N GLY B 182 7.21 2.90 -5.19
CA GLY B 182 7.01 3.98 -4.24
C GLY B 182 5.53 4.04 -3.81
N ASP B 183 5.09 5.21 -3.37
CA ASP B 183 3.75 5.34 -2.86
C ASP B 183 2.73 5.58 -3.95
N SER B 184 3.09 6.06 -5.16
CA SER B 184 2.08 6.40 -6.17
C SER B 184 1.04 5.34 -6.62
N PRO B 185 1.29 3.99 -6.68
CA PRO B 185 0.27 3.03 -6.95
C PRO B 185 -0.36 2.40 -5.71
N ILE B 186 -0.08 2.89 -4.51
CA ILE B 186 -0.57 2.21 -3.31
C ILE B 186 -1.72 3.06 -2.77
N ILE B 187 -2.87 2.39 -2.57
CA ILE B 187 -4.05 3.09 -2.06
C ILE B 187 -3.92 3.49 -0.63
N GLY B 188 -3.34 2.92 0.39
CA GLY B 188 -3.24 3.88 1.60
C GLY B 188 -2.43 5.23 1.54
N ALA B 189 -1.51 5.19 0.59
CA ALA B 189 -0.34 6.02 0.46
C ALA B 189 -0.32 7.14 -0.58
N GLY B 190 -0.12 6.91 -1.89
CA GLY B 190 -0.09 8.02 -2.85
C GLY B 190 -1.43 8.68 -3.09
N LEU B 191 -2.47 7.94 -2.83
CA LEU B 191 -3.81 8.43 -3.15
C LEU B 191 -4.78 7.74 -2.24
N PHE B 192 -5.75 8.50 -1.73
CA PHE B 192 -6.88 7.92 -1.01
C PHE B 192 -8.05 8.84 -1.24
N VAL B 193 -9.23 8.26 -1.52
CA VAL B 193 -10.47 8.99 -1.74
C VAL B 193 -11.52 8.33 -0.86
N ASP B 194 -12.34 9.09 -0.14
CA ASP B 194 -13.52 8.51 0.51
C ASP B 194 -14.57 9.61 0.24
N ASN B 195 -15.61 9.20 -0.45
CA ASN B 195 -16.64 10.14 -0.92
C ASN B 195 -17.50 10.73 0.19
N GLU B 196 -17.53 10.19 1.42
CA GLU B 196 -18.30 10.81 2.51
C GLU B 196 -17.43 11.81 3.25
N ILE B 197 -16.15 11.88 2.86
CA ILE B 197 -15.21 12.72 3.57
C ILE B 197 -14.39 13.66 2.69
N GLY B 198 -13.54 13.17 1.74
CA GLY B 198 -12.55 13.93 0.99
C GLY B 198 -11.55 12.99 0.30
N ALA B 199 -10.61 13.62 -0.38
CA ALA B 199 -9.59 12.96 -1.18
C ALA B 199 -8.25 13.63 -0.89
N ALA B 200 -7.15 12.88 -1.02
CA ALA B 200 -5.83 13.49 -0.94
C ALA B 200 -4.85 12.77 -1.87
N THR B 201 -3.83 13.42 -2.45
CA THR B 201 -2.77 12.76 -3.18
C THR B 201 -1.47 13.32 -2.61
N ALA B 202 -0.38 12.59 -2.79
CA ALA B 202 0.89 12.92 -2.19
C ALA B 202 1.94 13.17 -3.28
N THR B 203 2.89 14.03 -2.91
CA THR B 203 4.07 14.37 -3.68
C THR B 203 5.27 14.02 -2.77
N GLY B 204 6.42 13.75 -3.37
CA GLY B 204 7.64 13.53 -2.62
C GLY B 204 8.23 12.13 -2.71
N HIS B 205 9.09 11.87 -1.73
CA HIS B 205 9.85 10.62 -1.68
C HIS B 205 8.90 9.45 -1.37
N GLY B 206 8.69 8.59 -2.37
CA GLY B 206 7.86 7.39 -2.29
C GLY B 206 7.85 6.61 -0.97
N GLU B 207 9.06 6.21 -0.59
CA GLU B 207 9.41 5.48 0.61
C GLU B 207 8.83 6.10 1.85
N GLU B 208 8.90 7.42 1.94
CA GLU B 208 8.39 8.10 3.12
C GLU B 208 6.89 8.21 3.13
N VAL B 209 6.27 8.33 1.97
CA VAL B 209 4.83 8.42 1.97
C VAL B 209 4.32 7.02 2.29
N ILE B 210 4.97 5.92 1.91
CA ILE B 210 4.52 4.57 2.22
C ILE B 210 4.59 4.32 3.72
N ARG B 211 5.75 4.72 4.25
CA ARG B 211 6.09 4.54 5.64
C ARG B 211 5.03 5.11 6.54
N THR B 212 4.50 6.28 6.13
CA THR B 212 3.53 6.94 6.98
C THR B 212 2.07 6.75 6.53
N VAL B 213 1.69 5.94 5.53
CA VAL B 213 0.33 5.81 4.94
C VAL B 213 -0.34 7.19 4.79
N GLY B 214 0.49 8.11 4.19
CA GLY B 214 0.24 9.56 4.31
C GLY B 214 -1.14 10.07 3.91
N THR B 215 -1.67 9.65 2.81
CA THR B 215 -2.90 10.19 2.30
C THR B 215 -4.08 9.54 3.04
N HIS B 216 -3.93 8.29 3.50
CA HIS B 216 -5.04 7.73 4.27
C HIS B 216 -5.10 8.50 5.59
N LEU B 217 -3.93 8.90 6.10
CA LEU B 217 -3.87 9.73 7.31
C LEU B 217 -4.47 11.11 7.05
N VAL B 218 -4.23 11.74 5.91
CA VAL B 218 -4.80 13.05 5.62
C VAL B 218 -6.33 12.96 5.65
N VAL B 219 -6.90 12.03 4.91
CA VAL B 219 -8.34 11.88 4.89
C VAL B 219 -8.93 11.46 6.27
N GLU B 220 -8.25 10.64 7.08
CA GLU B 220 -8.84 10.27 8.37
C GLU B 220 -8.78 11.50 9.26
N LEU B 221 -7.85 12.43 9.08
CA LEU B 221 -7.85 13.67 9.88
C LEU B 221 -8.97 14.53 9.29
N MET B 222 -9.28 14.58 8.01
CA MET B 222 -10.47 15.32 7.60
C MET B 222 -11.74 14.68 8.17
N ASN B 223 -11.78 13.35 8.34
CA ASN B 223 -12.90 12.60 8.93
C ASN B 223 -13.05 13.01 10.39
N GLN B 224 -11.95 13.33 11.09
CA GLN B 224 -12.03 13.94 12.46
C GLN B 224 -12.37 15.45 12.52
N GLY B 225 -12.61 16.14 11.40
CA GLY B 225 -13.03 17.51 11.43
C GLY B 225 -11.95 18.47 10.95
N ARG B 226 -10.69 18.06 10.63
CA ARG B 226 -9.70 19.00 10.16
C ARG B 226 -10.05 19.55 8.77
N THR B 227 -9.76 20.84 8.54
CA THR B 227 -9.90 21.40 7.22
C THR B 227 -8.87 20.65 6.36
N PRO B 228 -9.08 20.57 5.06
CA PRO B 228 -8.09 19.99 4.14
C PRO B 228 -6.65 20.44 4.42
N GLN B 229 -6.54 21.73 4.61
CA GLN B 229 -5.30 22.40 4.91
C GLN B 229 -4.74 21.95 6.29
N GLN B 230 -5.53 22.01 7.36
CA GLN B 230 -5.13 21.54 8.67
C GLN B 230 -4.69 20.08 8.58
N ALA B 231 -5.48 19.21 7.92
CA ALA B 231 -5.20 17.79 7.78
C ALA B 231 -3.87 17.57 7.09
N CYS B 232 -3.58 18.27 5.98
CA CYS B 232 -2.31 18.13 5.29
C CYS B 232 -1.16 18.56 6.22
N LYS B 233 -1.28 19.71 6.91
CA LYS B 233 -0.27 20.19 7.82
C LYS B 233 0.02 19.23 8.98
N GLU B 234 -1.00 18.72 9.65
CA GLU B 234 -0.82 17.79 10.78
C GLU B 234 -0.19 16.48 10.28
N ALA B 235 -0.56 16.02 9.08
CA ALA B 235 0.02 14.83 8.52
C ALA B 235 1.51 15.01 8.30
N VAL B 236 1.90 16.12 7.65
CA VAL B 236 3.30 16.46 7.41
C VAL B 236 4.04 16.59 8.71
N GLU B 237 3.47 17.20 9.75
CA GLU B 237 4.09 17.36 11.04
C GLU B 237 4.31 16.03 11.73
N ARG B 238 3.43 15.04 11.47
CA ARG B 238 3.58 13.70 11.99
C ARG B 238 4.74 13.07 11.30
N ILE B 239 4.84 13.32 10.01
CA ILE B 239 5.99 12.82 9.27
C ILE B 239 7.32 13.47 9.74
N VAL B 240 7.37 14.77 10.00
CA VAL B 240 8.54 15.48 10.52
C VAL B 240 8.97 14.78 11.81
N LYS B 241 8.05 14.46 12.74
CA LYS B 241 8.44 13.80 13.97
C LYS B 241 9.02 12.41 13.73
N ILE B 242 8.51 11.66 12.76
CA ILE B 242 9.04 10.33 12.50
C ILE B 242 10.41 10.48 11.85
N VAL B 243 10.73 11.37 10.89
CA VAL B 243 12.09 11.37 10.32
C VAL B 243 13.08 11.77 11.44
N ASN B 244 12.70 12.65 12.38
CA ASN B 244 13.57 12.94 13.49
C ASN B 244 13.77 11.70 14.39
N ARG B 245 12.70 10.93 14.71
CA ARG B 245 12.86 9.70 15.47
C ARG B 245 13.71 8.67 14.70
N ARG B 246 13.81 8.65 13.36
CA ARG B 246 14.70 7.75 12.67
C ARG B 246 16.15 8.25 12.60
N GLY B 247 16.57 9.34 13.22
CA GLY B 247 17.91 9.89 13.01
C GLY B 247 18.17 10.32 11.56
N LYS B 248 17.16 10.76 10.80
CA LYS B 248 17.38 11.19 9.41
C LYS B 248 17.32 12.73 9.32
N ASN B 249 17.65 13.36 8.21
CA ASN B 249 17.80 14.81 8.14
C ASN B 249 16.67 15.40 7.29
N LEU B 250 15.84 16.33 7.89
CA LEU B 250 14.65 16.79 7.20
C LEU B 250 14.92 17.35 5.82
N LYS B 251 16.14 17.91 5.62
CA LYS B 251 16.51 18.49 4.34
C LYS B 251 16.57 17.47 3.22
N ASP B 252 16.79 16.22 3.60
CA ASP B 252 16.88 15.10 2.67
C ASP B 252 15.57 14.49 2.16
N ILE B 253 14.40 15.07 2.44
CA ILE B 253 13.07 14.51 2.13
C ILE B 253 12.16 15.62 1.63
N GLN B 254 11.27 15.33 0.69
CA GLN B 254 10.18 16.25 0.34
C GLN B 254 8.94 15.34 0.29
N VAL B 255 7.91 15.56 1.15
CA VAL B 255 6.60 14.93 1.22
C VAL B 255 5.67 16.12 1.25
N GLY B 256 4.67 16.15 0.38
CA GLY B 256 3.64 17.16 0.43
C GLY B 256 2.30 16.50 0.06
N PHE B 257 1.19 17.11 0.39
CA PHE B 257 -0.10 16.54 0.08
C PHE B 257 -0.97 17.62 -0.47
N ILE B 258 -1.92 17.31 -1.32
CA ILE B 258 -2.94 18.28 -1.64
C ILE B 258 -4.23 17.57 -1.20
N ALA B 259 -5.25 18.25 -0.71
CA ALA B 259 -6.43 17.59 -0.23
C ALA B 259 -7.66 18.34 -0.60
N LEU B 260 -8.77 17.61 -0.71
CA LEU B 260 -10.04 18.17 -1.10
C LEU B 260 -11.10 17.55 -0.20
N ASN B 261 -12.09 18.28 0.29
CA ASN B 261 -13.14 17.64 1.03
C ASN B 261 -14.42 17.71 0.20
N LYS B 262 -15.49 17.19 0.81
CA LYS B 262 -16.81 17.21 0.20
C LYS B 262 -17.51 18.50 -0.13
N LYS B 263 -17.16 19.60 0.49
CA LYS B 263 -17.72 20.87 0.11
C LYS B 263 -16.81 21.56 -0.97
N GLY B 264 -15.78 20.90 -1.52
CA GLY B 264 -14.93 21.57 -2.52
C GLY B 264 -13.84 22.43 -1.91
N GLU B 265 -13.61 22.27 -0.61
CA GLU B 265 -12.57 23.03 0.10
C GLU B 265 -11.28 22.26 -0.14
N TYR B 266 -10.12 22.96 -0.27
CA TYR B 266 -8.88 22.29 -0.60
C TYR B 266 -7.74 22.87 0.22
N GLY B 267 -6.62 22.19 0.30
CA GLY B 267 -5.49 22.62 1.11
C GLY B 267 -4.27 21.84 0.65
N ALA B 268 -3.12 22.15 1.20
CA ALA B 268 -1.87 21.53 0.81
C ALA B 268 -0.82 21.93 1.84
N TYR B 269 0.27 21.19 1.92
CA TYR B 269 1.34 21.51 2.89
C TYR B 269 2.47 20.54 2.56
N CYS B 270 3.69 20.94 2.84
CA CYS B 270 4.79 20.05 2.58
C CYS B 270 5.93 20.31 3.52
N ILE B 271 7.00 19.56 3.19
CA ILE B 271 8.19 19.56 3.97
C ILE B 271 9.07 20.73 3.53
N GLN B 272 9.41 20.81 2.25
CA GLN B 272 10.27 21.86 1.77
C GLN B 272 9.63 22.83 0.76
N ASP B 273 10.13 24.04 0.86
CA ASP B 273 9.90 25.19 0.01
C ASP B 273 10.01 24.75 -1.43
N GLY B 274 9.12 25.35 -2.20
CA GLY B 274 9.23 25.07 -3.62
C GLY B 274 8.24 24.07 -4.17
N PHE B 275 7.33 23.49 -3.40
CA PHE B 275 6.26 22.71 -4.00
C PHE B 275 5.12 23.63 -4.29
N ASN B 276 4.55 23.52 -5.47
CA ASN B 276 3.32 24.27 -5.74
C ASN B 276 2.25 23.28 -6.22
N PHE B 277 1.06 23.64 -6.63
CA PHE B 277 0.03 22.74 -7.17
C PHE B 277 -0.97 23.55 -7.97
N ALA B 278 -1.73 22.97 -8.90
CA ALA B 278 -2.70 23.72 -9.66
C ALA B 278 -4.12 23.40 -9.18
N VAL B 279 -4.93 24.45 -9.11
CA VAL B 279 -6.33 24.46 -8.60
C VAL B 279 -7.19 25.03 -9.74
N HIS B 280 -8.17 24.29 -10.25
CA HIS B 280 -9.07 24.82 -11.24
C HIS B 280 -10.46 24.69 -10.67
N ASP B 281 -11.14 25.79 -10.47
CA ASP B 281 -12.53 25.77 -10.13
C ASP B 281 -13.22 26.78 -11.05
N GLN B 282 -14.36 27.36 -10.67
CA GLN B 282 -15.06 28.28 -11.53
C GLN B 282 -14.45 29.66 -11.56
N LYS B 283 -13.56 29.97 -10.66
CA LYS B 283 -12.94 31.23 -10.82
C LYS B 283 -11.80 31.07 -11.87
N GLY B 284 -11.31 29.87 -12.26
CA GLY B 284 -10.22 29.67 -13.19
C GLY B 284 -9.15 28.74 -12.61
N ASN B 285 -8.06 28.63 -13.35
CA ASN B 285 -6.99 27.71 -13.07
C ASN B 285 -5.84 28.51 -12.53
N ARG B 286 -5.15 28.07 -11.48
CA ARG B 286 -4.04 28.84 -10.95
C ARG B 286 -3.08 27.96 -10.17
N LEU B 287 -1.82 28.45 -10.15
CA LEU B 287 -0.78 27.77 -9.41
C LEU B 287 -0.73 28.41 -8.06
N GLU B 288 -0.85 27.61 -7.00
CA GLU B 288 -0.74 28.09 -5.64
C GLU B 288 0.45 27.37 -4.97
N THR B 289 0.88 27.96 -3.84
CA THR B 289 2.06 27.55 -3.09
C THR B 289 1.58 27.31 -1.66
N PRO B 290 1.60 26.11 -1.06
CA PRO B 290 1.31 25.92 0.35
C PRO B 290 2.41 26.30 1.36
N GLY B 291 2.05 26.20 2.64
CA GLY B 291 3.06 26.38 3.69
C GLY B 291 4.03 25.20 3.67
N PHE B 292 5.23 25.36 4.24
CA PHE B 292 6.18 24.25 4.29
C PHE B 292 6.72 24.08 5.70
N ALA B 293 7.11 22.90 6.12
CA ALA B 293 7.56 22.67 7.48
C ALA B 293 9.04 22.96 7.67
N LEU B 294 9.92 22.77 6.70
CA LEU B 294 11.33 23.08 6.90
C LEU B 294 11.43 24.53 6.43
#